data_5JHO
#
_entry.id   5JHO
#
_cell.length_a   98.040
_cell.length_b   98.040
_cell.length_c   212.870
_cell.angle_alpha   90.00
_cell.angle_beta   90.00
_cell.angle_gamma   90.00
#
_symmetry.space_group_name_H-M   'P 43 2 2'
#
loop_
_entity.id
_entity.type
_entity.pdbx_description
1 polymer 'Electroneutral sodium bicarbonate exchanger 1'
2 water water
#
_entity_poly.entity_id   1
_entity_poly.type   'polypeptide(L)'
_entity_poly.pdbx_seq_one_letter_code
;MPLGRQSHRHHRTHGQKHRRRGRGKGASQGEEGLEALAHDTPSQRVQFILGTEEDEEHVPHELFTELDEICMKEGEDAEW
KETARWLKFEEDVEDGGERWSKPYVATLSLHSLFELRSCLINGTVLLDMHANSIEEISDLILDQQELSSDLNDSMRVKVR
EALLKKHHHQNEKKRNNLIPIVRSFAEVGKKQSDPHLMDKHGQTVSPQSVPTTNLEVKNGVNCEHSPVDLSKVDLHFMKK
IPTGAEASNVLVGEVDILDRPIVAFVRLSPAVLLSGLTEVPIPTRFLFILLGPVGKGQQYHEIGRSMATIMTDEIFHDVA
YKAKERDDLLAGIDEFLDQVTVLP
;
_entity_poly.pdbx_strand_id   A,B
#
# COMPACT_ATOMS: atom_id res chain seq x y z
N PRO A 42 -10.13 0.83 -17.14
CA PRO A 42 -9.11 0.70 -16.11
C PRO A 42 -9.17 1.81 -15.06
N SER A 43 -8.14 1.87 -14.22
CA SER A 43 -7.95 2.98 -13.29
C SER A 43 -6.77 3.80 -13.81
N GLN A 44 -6.19 3.33 -14.90
CA GLN A 44 -5.26 4.14 -15.65
C GLN A 44 -5.93 4.60 -16.93
N ARG A 45 -7.09 4.02 -17.21
CA ARG A 45 -7.99 4.58 -18.20
C ARG A 45 -8.27 6.03 -17.85
N VAL A 46 -8.87 6.22 -16.67
CA VAL A 46 -9.32 7.55 -16.25
C VAL A 46 -8.09 8.42 -16.19
N GLN A 47 -7.01 7.80 -15.74
CA GLN A 47 -5.72 8.42 -15.54
C GLN A 47 -5.13 9.06 -16.80
N PHE A 48 -4.89 8.25 -17.81
CA PHE A 48 -4.37 8.69 -19.08
C PHE A 48 -5.26 9.78 -19.69
N ILE A 49 -6.57 9.67 -19.53
CA ILE A 49 -7.49 10.70 -20.03
C ILE A 49 -7.23 12.04 -19.37
N LEU A 50 -6.90 12.02 -18.07
CA LEU A 50 -6.65 13.27 -17.37
C LEU A 50 -5.35 13.92 -17.77
N GLY A 51 -4.26 13.15 -17.74
CA GLY A 51 -2.94 13.67 -18.05
C GLY A 51 -2.90 14.43 -19.37
N THR A 52 -3.88 14.22 -20.23
CA THR A 52 -3.83 14.83 -21.55
C THR A 52 -5.05 15.63 -21.98
N GLU A 53 -5.70 16.34 -21.06
CA GLU A 53 -6.80 17.20 -21.45
C GLU A 53 -6.36 18.64 -21.64
N GLU A 54 -6.94 19.32 -22.62
CA GLU A 54 -6.67 20.74 -22.82
C GLU A 54 -7.26 21.57 -21.68
N ASP A 55 -6.44 22.43 -21.11
CA ASP A 55 -6.78 23.22 -19.93
C ASP A 55 -5.86 24.43 -19.88
N GLU A 56 -6.40 25.64 -19.72
CA GLU A 56 -5.51 26.78 -19.59
C GLU A 56 -5.53 27.31 -18.19
N GLU A 57 -4.35 27.68 -17.66
CA GLU A 57 -4.21 28.14 -16.27
C GLU A 57 -4.33 26.98 -15.28
N HIS A 58 -5.00 25.92 -15.72
CA HIS A 58 -5.03 24.65 -15.02
C HIS A 58 -3.72 23.91 -15.19
N VAL A 59 -2.68 24.65 -15.58
CA VAL A 59 -1.35 24.12 -15.83
C VAL A 59 -0.73 23.72 -14.51
N PRO A 60 -0.03 22.56 -14.48
CA PRO A 60 0.54 22.12 -13.19
C PRO A 60 1.74 22.99 -12.79
N HIS A 61 1.92 23.28 -11.50
CA HIS A 61 3.13 23.99 -11.06
C HIS A 61 3.90 23.06 -10.11
N GLU A 62 5.11 23.44 -9.70
CA GLU A 62 5.75 22.64 -8.69
C GLU A 62 5.25 23.11 -7.35
N LEU A 63 5.32 22.23 -6.37
CA LEU A 63 4.68 22.43 -5.10
C LEU A 63 5.62 22.53 -3.90
N PHE A 64 5.40 23.55 -3.09
CA PHE A 64 5.86 23.53 -1.71
C PHE A 64 4.70 23.07 -0.80
N THR A 65 4.91 22.09 0.08
CA THR A 65 3.80 21.63 0.91
C THR A 65 4.09 21.76 2.39
N GLU A 66 3.20 22.40 3.13
CA GLU A 66 3.37 22.54 4.56
C GLU A 66 2.30 21.75 5.33
N LEU A 67 2.71 21.05 6.38
CA LEU A 67 1.78 20.35 7.24
C LEU A 67 1.68 21.08 8.58
N ASP A 68 0.49 21.61 8.89
CA ASP A 68 0.21 22.21 10.21
C ASP A 68 -0.77 21.39 11.04
N GLU A 69 -0.61 21.41 12.36
CA GLU A 69 -1.49 20.62 13.22
C GLU A 69 -2.02 21.44 14.38
N ILE A 70 -3.26 21.14 14.81
CA ILE A 70 -3.94 21.85 15.90
C ILE A 70 -4.52 20.87 16.92
N CYS A 71 -4.71 21.32 18.15
CA CYS A 71 -5.46 20.52 19.12
C CYS A 71 -6.36 21.37 20.03
N MET A 72 -7.67 21.28 19.88
CA MET A 72 -8.59 22.09 20.68
C MET A 72 -9.16 21.40 21.92
N LYS A 73 -8.46 21.52 23.04
CA LYS A 73 -8.95 21.00 24.30
C LYS A 73 -9.70 22.12 25.01
N GLU A 74 -10.82 21.78 25.64
CA GLU A 74 -11.66 22.77 26.30
C GLU A 74 -10.86 23.58 27.32
N GLY A 75 -11.10 24.89 27.34
CA GLY A 75 -10.46 25.79 28.29
C GLY A 75 -9.05 26.19 27.90
N GLU A 76 -8.36 25.28 27.22
CA GLU A 76 -7.01 25.54 26.78
C GLU A 76 -7.00 26.15 25.38
N ASP A 77 -6.57 27.41 25.32
CA ASP A 77 -6.26 28.10 24.08
C ASP A 77 -5.29 27.25 23.25
N ALA A 78 -5.33 27.44 21.93
CA ALA A 78 -4.57 26.58 21.02
C ALA A 78 -4.44 27.16 19.62
N GLU A 79 -3.26 27.02 19.01
CA GLU A 79 -3.07 27.57 17.67
C GLU A 79 -2.45 26.50 16.80
N TRP A 80 -2.33 26.82 15.51
CA TRP A 80 -1.70 25.91 14.54
C TRP A 80 -0.19 25.93 14.64
N LYS A 81 0.43 24.75 14.57
CA LYS A 81 1.88 24.62 14.58
C LYS A 81 2.36 23.81 13.40
N GLU A 82 3.32 24.37 12.67
CA GLU A 82 3.96 23.68 11.54
C GLU A 82 4.69 22.46 12.06
N THR A 83 4.43 21.30 11.47
CA THR A 83 5.13 20.10 11.94
C THR A 83 6.02 19.44 10.88
N ALA A 84 5.78 19.71 9.61
CA ALA A 84 6.64 19.18 8.56
C ALA A 84 6.49 19.99 7.27
N ARG A 85 7.44 19.84 6.33
CA ARG A 85 7.35 20.51 5.01
C ARG A 85 8.03 19.66 3.95
N TRP A 86 7.61 19.82 2.70
CA TRP A 86 8.09 19.01 1.60
C TRP A 86 8.46 19.87 0.40
N LEU A 87 9.39 19.37 -0.41
CA LEU A 87 9.89 20.02 -1.60
C LEU A 87 10.65 18.90 -2.26
N LYS A 88 9.90 17.90 -2.74
CA LYS A 88 10.46 16.57 -3.07
C LYS A 88 10.96 15.81 -1.82
N PHE A 89 11.87 16.40 -1.04
CA PHE A 89 12.31 15.81 0.22
C PHE A 89 11.41 16.22 1.40
N GLU A 90 11.45 15.49 2.51
CA GLU A 90 10.68 15.91 3.66
C GLU A 90 11.58 16.41 4.77
N GLU A 91 11.12 17.38 5.54
CA GLU A 91 11.81 17.76 6.76
C GLU A 91 10.78 17.85 7.89
N ASP A 92 11.11 17.31 9.06
CA ASP A 92 10.18 17.38 10.21
C ASP A 92 10.69 18.25 11.33
N VAL A 93 9.75 18.89 12.00
CA VAL A 93 10.08 19.61 13.22
C VAL A 93 10.37 18.56 14.28
N GLU A 94 11.45 18.71 15.05
CA GLU A 94 11.72 17.66 16.01
C GLU A 94 12.19 18.25 17.32
N ASP A 95 12.53 17.38 18.27
CA ASP A 95 13.07 17.80 19.55
C ASP A 95 12.22 18.88 20.21
N GLY A 96 10.90 18.77 20.10
CA GLY A 96 10.01 19.71 20.74
C GLY A 96 9.78 21.05 20.06
N GLY A 97 10.03 21.12 18.75
CA GLY A 97 9.87 22.38 18.03
C GLY A 97 11.15 23.20 17.93
N GLU A 98 12.23 22.67 18.50
CA GLU A 98 13.51 23.34 18.55
C GLU A 98 14.27 23.39 17.21
N ARG A 99 13.89 22.53 16.26
CA ARG A 99 14.81 22.17 15.17
C ARG A 99 14.14 21.53 13.95
N TRP A 100 14.68 21.76 12.76
CA TRP A 100 14.31 20.98 11.56
C TRP A 100 15.19 19.74 11.43
N SER A 101 14.61 18.64 10.94
CA SER A 101 15.40 17.44 10.66
C SER A 101 16.30 17.62 9.42
N LYS A 102 17.20 16.70 9.18
CA LYS A 102 17.86 16.67 7.89
C LYS A 102 16.78 16.25 6.92
N PRO A 103 16.87 16.74 5.68
CA PRO A 103 15.89 16.32 4.68
C PRO A 103 16.03 14.83 4.37
N TYR A 104 14.91 14.16 4.20
CA TYR A 104 14.96 12.74 3.86
C TYR A 104 13.86 12.36 2.87
N VAL A 105 13.97 11.18 2.31
CA VAL A 105 12.96 10.69 1.40
C VAL A 105 11.78 10.09 2.16
N ALA A 106 10.58 10.68 2.05
CA ALA A 106 9.46 10.23 2.88
C ALA A 106 9.07 8.78 2.62
N THR A 107 8.69 8.09 3.68
CA THR A 107 7.94 6.84 3.57
C THR A 107 6.60 6.96 4.32
N LEU A 108 5.63 6.14 3.92
CA LEU A 108 4.26 6.25 4.41
C LEU A 108 3.77 4.94 4.94
N SER A 109 2.81 4.99 5.86
CA SER A 109 2.16 3.76 6.29
C SER A 109 1.08 3.47 5.28
N LEU A 110 1.00 2.21 4.86
CA LEU A 110 -0.07 1.79 3.94
C LEU A 110 -1.44 2.11 4.56
N HIS A 111 -1.60 1.77 5.82
CA HIS A 111 -2.81 2.08 6.57
C HIS A 111 -3.30 3.50 6.34
N SER A 112 -2.41 4.47 6.45
CA SER A 112 -2.85 5.86 6.47
C SER A 112 -3.21 6.34 5.06
N LEU A 113 -2.67 5.65 4.06
CA LEU A 113 -2.98 5.93 2.67
C LEU A 113 -4.41 5.50 2.31
N PHE A 114 -4.78 4.30 2.76
CA PHE A 114 -6.17 3.83 2.65
C PHE A 114 -7.13 4.76 3.35
N GLU A 115 -6.74 5.26 4.52
CA GLU A 115 -7.55 6.23 5.23
C GLU A 115 -7.70 7.49 4.40
N LEU A 116 -6.62 7.90 3.77
CA LEU A 116 -6.63 9.08 2.94
C LEU A 116 -7.59 8.87 1.79
N ARG A 117 -7.55 7.68 1.19
CA ARG A 117 -8.39 7.31 0.08
C ARG A 117 -9.84 7.41 0.52
N SER A 118 -10.07 6.90 1.72
CA SER A 118 -11.37 6.91 2.33
C SER A 118 -11.86 8.36 2.54
N CYS A 119 -10.95 9.24 2.92
CA CYS A 119 -11.24 10.66 3.10
C CYS A 119 -11.72 11.31 1.82
N LEU A 120 -11.09 10.97 0.70
CA LEU A 120 -11.48 11.50 -0.59
C LEU A 120 -12.79 10.88 -1.13
N ILE A 121 -13.14 9.70 -0.62
CA ILE A 121 -14.36 9.02 -1.04
C ILE A 121 -15.55 9.68 -0.35
N ASN A 122 -15.36 10.00 0.94
CA ASN A 122 -16.44 10.48 1.80
C ASN A 122 -16.42 11.98 2.11
N GLY A 123 -15.36 12.69 1.75
CA GLY A 123 -15.17 14.06 2.20
C GLY A 123 -15.65 15.14 1.24
N THR A 124 -15.50 16.39 1.65
CA THR A 124 -15.78 17.49 0.74
C THR A 124 -14.72 17.60 -0.35
N VAL A 125 -15.14 17.73 -1.60
CA VAL A 125 -14.19 17.99 -2.68
C VAL A 125 -14.65 19.22 -3.43
N LEU A 126 -13.91 20.30 -3.29
CA LEU A 126 -14.27 21.54 -3.94
C LEU A 126 -13.12 21.93 -4.84
N LEU A 127 -13.37 21.83 -6.14
CA LEU A 127 -12.35 22.12 -7.11
C LEU A 127 -12.62 23.46 -7.79
N ASP A 128 -11.56 24.20 -8.04
CA ASP A 128 -11.62 25.51 -8.66
C ASP A 128 -12.49 26.45 -7.81
N MET A 129 -12.33 26.38 -6.50
CA MET A 129 -13.02 27.32 -5.60
C MET A 129 -12.50 28.74 -5.82
N HIS A 130 -13.39 29.71 -6.05
CA HIS A 130 -12.98 31.10 -6.20
C HIS A 130 -13.12 31.86 -4.88
N ALA A 131 -12.14 31.70 -4.00
CA ALA A 131 -12.12 32.36 -2.70
C ALA A 131 -10.80 33.10 -2.49
N ASN A 132 -10.79 34.28 -1.90
CA ASN A 132 -9.51 34.97 -1.77
C ASN A 132 -9.07 35.17 -0.32
N SER A 133 -9.68 34.42 0.60
CA SER A 133 -9.27 34.49 2.01
C SER A 133 -9.67 33.27 2.81
N ILE A 134 -9.02 33.07 3.96
CA ILE A 134 -9.20 31.86 4.75
C ILE A 134 -10.58 31.83 5.42
N GLU A 135 -11.13 33.00 5.75
CA GLU A 135 -12.52 33.08 6.22
C GLU A 135 -13.44 32.50 5.17
N GLU A 136 -13.40 33.10 3.99
CA GLU A 136 -14.20 32.70 2.84
C GLU A 136 -14.12 31.21 2.50
N ILE A 137 -12.92 30.65 2.52
CA ILE A 137 -12.71 29.24 2.22
C ILE A 137 -13.43 28.36 3.25
N SER A 138 -13.34 28.72 4.52
CA SER A 138 -13.94 27.88 5.55
C SER A 138 -15.47 27.91 5.48
N ASP A 139 -16.03 29.08 5.22
CA ASP A 139 -17.45 29.20 5.13
C ASP A 139 -17.96 28.36 3.97
N LEU A 140 -17.27 28.43 2.84
CA LEU A 140 -17.64 27.62 1.68
C LEU A 140 -17.64 26.12 1.97
N ILE A 141 -16.66 25.69 2.77
CA ILE A 141 -16.57 24.31 3.15
C ILE A 141 -17.71 23.96 4.09
N LEU A 142 -17.87 24.78 5.13
CA LEU A 142 -18.90 24.51 6.12
C LEU A 142 -20.32 24.68 5.56
N ASP A 143 -20.44 25.42 4.45
CA ASP A 143 -21.77 25.64 3.88
C ASP A 143 -22.15 24.64 2.79
N GLN A 144 -21.36 23.58 2.62
CA GLN A 144 -21.80 22.47 1.77
C GLN A 144 -23.08 21.92 2.36
N GLN A 145 -24.15 21.85 1.57
CA GLN A 145 -25.48 21.44 2.05
C GLN A 145 -25.45 20.05 2.71
N GLU A 146 -24.40 19.28 2.40
CA GLU A 146 -24.15 17.99 3.02
C GLU A 146 -23.33 18.11 4.31
N LEU A 147 -22.27 18.91 4.26
CA LEU A 147 -21.33 18.98 5.38
C LEU A 147 -21.88 19.78 6.57
N SER A 148 -22.93 20.58 6.35
CA SER A 148 -23.58 21.34 7.43
C SER A 148 -24.85 20.67 7.97
N SER A 149 -25.20 19.52 7.38
CA SER A 149 -26.31 18.71 7.86
C SER A 149 -25.80 17.55 8.71
N ASP A 150 -24.55 17.65 9.14
CA ASP A 150 -23.90 16.68 10.00
C ASP A 150 -23.42 17.33 11.30
N LEU A 151 -23.54 18.66 11.37
CA LEU A 151 -22.93 19.44 12.44
C LEU A 151 -23.92 20.15 13.34
N ASN A 152 -23.57 20.28 14.62
CA ASN A 152 -24.33 21.16 15.51
C ASN A 152 -24.13 22.60 15.11
N ASP A 153 -24.92 23.49 15.69
CA ASP A 153 -24.65 24.90 15.55
C ASP A 153 -23.37 25.16 16.33
N SER A 154 -23.26 24.51 17.47
CA SER A 154 -22.10 24.67 18.33
C SER A 154 -20.84 24.08 17.68
N MET A 155 -21.02 23.00 16.93
CA MET A 155 -19.90 22.34 16.24
C MET A 155 -19.39 23.17 15.08
N ARG A 156 -20.27 23.84 14.35
CA ARG A 156 -19.82 24.73 13.27
C ARG A 156 -19.04 25.90 13.87
N VAL A 157 -19.53 26.43 14.98
CA VAL A 157 -18.85 27.53 15.64
C VAL A 157 -17.41 27.19 16.04
N LYS A 158 -17.21 26.08 16.75
CA LYS A 158 -15.86 25.68 17.16
C LYS A 158 -14.96 25.49 15.96
N VAL A 159 -15.46 24.82 14.94
CA VAL A 159 -14.62 24.46 13.79
C VAL A 159 -14.23 25.71 12.98
N ARG A 160 -15.15 26.66 12.84
CA ARG A 160 -14.79 27.88 12.12
C ARG A 160 -13.69 28.60 12.90
N GLU A 161 -13.88 28.70 14.22
CA GLU A 161 -12.91 29.34 15.12
C GLU A 161 -11.50 28.72 14.98
N ALA A 162 -11.47 27.40 14.81
CA ALA A 162 -10.22 26.67 14.72
C ALA A 162 -9.50 27.01 13.42
N LEU A 163 -10.26 27.00 12.33
CA LEU A 163 -9.67 27.26 11.03
C LEU A 163 -9.10 28.67 10.95
N LEU A 164 -9.60 29.58 11.78
CA LEU A 164 -9.12 30.95 11.69
C LEU A 164 -8.01 31.28 12.68
N LYS A 165 -7.57 30.30 13.46
CA LYS A 165 -6.45 30.50 14.37
C LYS A 165 -5.19 30.86 13.59
N LYS A 166 -4.27 31.59 14.23
CA LYS A 166 -2.98 31.91 13.58
C LYS A 166 -2.18 30.64 13.32
N HIS A 167 -1.21 30.77 12.43
CA HIS A 167 -0.33 29.66 12.12
C HIS A 167 1.08 29.96 12.59
N HIS A 168 1.53 29.24 13.62
CA HIS A 168 2.90 29.37 14.07
C HIS A 168 3.82 28.60 13.15
N HIS A 169 4.83 29.28 12.61
CA HIS A 169 5.82 28.59 11.78
C HIS A 169 7.14 28.40 12.53
N GLN A 170 8.06 27.65 11.93
CA GLN A 170 9.28 27.25 12.61
C GLN A 170 10.33 28.36 12.75
N ASN A 171 10.21 29.43 11.98
CA ASN A 171 11.26 30.44 11.97
C ASN A 171 11.28 31.31 13.21
N GLU A 172 11.30 30.66 14.38
CA GLU A 172 11.10 31.31 15.69
C GLU A 172 9.75 32.02 15.74
N LYS A 173 8.96 31.90 14.68
CA LYS A 173 7.82 32.77 14.42
C LYS A 173 6.74 32.06 13.59
N LYS A 232 11.99 41.06 5.76
CA LYS A 232 11.19 40.02 6.40
C LYS A 232 12.08 39.00 7.12
N VAL A 233 11.46 37.94 7.61
CA VAL A 233 12.16 36.91 8.39
C VAL A 233 11.78 35.49 7.94
N ASP A 234 12.56 34.94 7.00
CA ASP A 234 12.28 33.64 6.40
C ASP A 234 13.49 32.70 6.38
N LEU A 235 14.00 32.36 5.19
CA LEU A 235 15.13 31.42 5.14
C LEU A 235 16.19 31.54 4.03
N HIS A 236 17.01 30.50 4.04
CA HIS A 236 17.99 30.10 3.05
C HIS A 236 17.32 28.98 2.27
N PHE A 237 16.27 28.46 2.90
CA PHE A 237 15.30 27.55 2.28
C PHE A 237 14.54 28.20 1.14
N MET A 238 14.25 29.48 1.25
CA MET A 238 13.47 30.11 0.22
C MET A 238 14.17 30.08 -1.14
N LYS A 239 15.50 30.06 -1.13
CA LYS A 239 16.27 30.01 -2.36
C LYS A 239 16.03 28.69 -3.12
N LYS A 240 15.83 27.62 -2.37
CA LYS A 240 15.69 26.27 -2.92
C LYS A 240 14.41 26.02 -3.67
N ILE A 241 13.52 27.01 -3.68
CA ILE A 241 12.15 26.84 -4.21
C ILE A 241 12.01 27.28 -5.65
N PRO A 242 11.54 26.35 -6.52
CA PRO A 242 11.49 26.52 -7.98
C PRO A 242 10.70 27.80 -8.27
N THR A 243 10.96 28.51 -9.36
CA THR A 243 10.47 29.88 -9.44
C THR A 243 8.93 30.01 -9.50
N GLY A 244 8.23 29.16 -10.24
CA GLY A 244 6.79 29.35 -10.34
C GLY A 244 5.98 28.51 -9.36
N ALA A 245 6.63 28.02 -8.32
CA ALA A 245 5.99 27.04 -7.46
C ALA A 245 4.77 27.63 -6.75
N GLU A 246 3.82 26.76 -6.44
CA GLU A 246 2.63 27.11 -5.67
C GLU A 246 2.65 26.23 -4.47
N ALA A 247 1.83 26.56 -3.48
CA ALA A 247 1.87 25.84 -2.21
C ALA A 247 0.61 25.00 -1.97
N SER A 248 0.79 24.00 -1.13
CA SER A 248 -0.24 23.07 -0.75
C SER A 248 -0.24 22.97 0.77
N ASN A 249 -1.36 23.35 1.41
CA ASN A 249 -1.44 23.38 2.87
C ASN A 249 -2.25 22.24 3.45
N VAL A 250 -1.57 21.40 4.22
CA VAL A 250 -2.19 20.23 4.83
C VAL A 250 -2.42 20.50 6.31
N LEU A 251 -3.70 20.67 6.65
CA LEU A 251 -4.11 21.06 8.01
C LEU A 251 -4.88 19.96 8.67
N VAL A 252 -4.30 19.36 9.71
CA VAL A 252 -4.95 18.27 10.41
C VAL A 252 -4.96 18.52 11.91
N GLY A 253 -5.81 17.82 12.65
CA GLY A 253 -5.78 18.03 14.07
C GLY A 253 -7.05 17.60 14.75
N GLU A 254 -7.13 17.87 16.04
CA GLU A 254 -8.25 17.48 16.87
C GLU A 254 -9.12 18.66 17.30
N VAL A 255 -10.43 18.42 17.40
CA VAL A 255 -11.38 19.36 18.02
C VAL A 255 -12.31 18.65 19.01
N ASP A 256 -12.22 19.04 20.28
CA ASP A 256 -12.89 18.29 21.35
C ASP A 256 -14.36 18.01 21.07
N ILE A 257 -15.04 18.92 20.36
CA ILE A 257 -16.48 18.85 20.25
C ILE A 257 -16.98 17.94 19.11
N LEU A 258 -16.10 17.55 18.20
CA LEU A 258 -16.48 16.67 17.09
C LEU A 258 -16.69 15.21 17.50
N ASP A 259 -17.58 14.49 16.81
CA ASP A 259 -17.74 13.05 17.05
C ASP A 259 -17.49 12.23 15.77
N ARG A 260 -17.57 12.89 14.62
CA ARG A 260 -17.18 12.33 13.34
C ARG A 260 -16.03 13.18 12.85
N PRO A 261 -15.18 12.63 11.96
CA PRO A 261 -14.15 13.44 11.32
C PRO A 261 -14.72 14.37 10.24
N ILE A 262 -14.00 15.43 9.92
CA ILE A 262 -14.37 16.40 8.88
C ILE A 262 -13.26 16.52 7.84
N VAL A 263 -13.54 16.14 6.60
CA VAL A 263 -12.51 16.17 5.59
C VAL A 263 -12.83 17.10 4.42
N ALA A 264 -11.85 17.88 3.97
CA ALA A 264 -12.04 18.68 2.78
C ALA A 264 -10.76 18.76 1.98
N PHE A 265 -10.91 18.56 0.68
CA PHE A 265 -9.86 18.78 -0.28
C PHE A 265 -10.32 19.96 -1.13
N VAL A 266 -9.50 21.00 -1.19
CA VAL A 266 -9.86 22.18 -1.96
C VAL A 266 -8.74 22.53 -2.94
N ARG A 267 -9.13 22.89 -4.15
CA ARG A 267 -8.20 23.47 -5.10
C ARG A 267 -8.73 24.83 -5.48
N LEU A 268 -7.96 25.89 -5.21
CA LEU A 268 -8.37 27.28 -5.55
C LEU A 268 -8.21 27.59 -7.05
N SER A 269 -9.01 28.48 -7.64
CA SER A 269 -8.92 28.71 -9.08
C SER A 269 -7.86 29.76 -9.40
N PRO A 270 -7.99 31.02 -8.90
CA PRO A 270 -6.61 31.52 -8.94
C PRO A 270 -5.91 31.14 -7.65
N ALA A 271 -4.63 30.76 -7.67
CA ALA A 271 -3.89 30.57 -6.43
C ALA A 271 -3.83 31.91 -5.69
N VAL A 272 -3.79 31.84 -4.36
CA VAL A 272 -3.91 33.03 -3.53
C VAL A 272 -2.87 33.03 -2.43
N LEU A 273 -2.24 34.18 -2.24
CA LEU A 273 -1.32 34.35 -1.14
C LEU A 273 -2.15 34.55 0.12
N LEU A 274 -2.51 33.47 0.80
CA LEU A 274 -3.31 33.59 2.03
C LEU A 274 -2.46 34.11 3.17
N SER A 275 -2.76 35.32 3.62
CA SER A 275 -1.94 36.01 4.59
C SER A 275 -1.70 35.19 5.85
N GLY A 276 -0.42 35.07 6.21
CA GLY A 276 0.05 34.41 7.41
C GLY A 276 -0.10 32.90 7.45
N LEU A 277 -0.50 32.30 6.34
CA LEU A 277 -0.80 30.88 6.34
C LEU A 277 0.42 29.98 6.06
N THR A 278 1.15 30.29 4.99
CA THR A 278 2.30 29.47 4.66
C THR A 278 3.52 30.09 5.29
N GLU A 279 4.52 29.30 5.68
CA GLU A 279 5.75 29.85 6.28
C GLU A 279 6.57 30.67 5.28
N VAL A 280 6.29 30.43 4.01
CA VAL A 280 6.95 31.10 2.92
C VAL A 280 5.94 31.76 2.00
N PRO A 281 6.19 33.01 1.58
CA PRO A 281 5.18 33.69 0.77
C PRO A 281 4.96 33.07 -0.61
N ILE A 282 4.19 32.00 -0.68
CA ILE A 282 3.93 31.32 -1.94
C ILE A 282 2.42 31.21 -2.11
N PRO A 283 1.91 31.46 -3.32
CA PRO A 283 0.45 31.40 -3.41
C PRO A 283 -0.07 30.00 -3.11
N THR A 284 -1.16 29.91 -2.36
CA THR A 284 -1.73 28.60 -2.06
C THR A 284 -2.61 28.13 -3.21
N ARG A 285 -2.44 26.88 -3.62
CA ARG A 285 -3.27 26.27 -4.65
C ARG A 285 -4.14 25.18 -4.07
N PHE A 286 -3.60 24.37 -3.17
CA PHE A 286 -4.35 23.26 -2.62
C PHE A 286 -4.51 23.39 -1.12
N LEU A 287 -5.64 22.93 -0.58
CA LEU A 287 -5.77 22.74 0.87
C LEU A 287 -6.37 21.39 1.17
N PHE A 288 -5.84 20.75 2.18
CA PHE A 288 -6.47 19.54 2.73
C PHE A 288 -6.76 19.75 4.20
N ILE A 289 -7.98 19.45 4.60
CA ILE A 289 -8.37 19.63 5.99
C ILE A 289 -8.95 18.35 6.59
N LEU A 290 -8.38 17.92 7.72
CA LEU A 290 -8.85 16.75 8.44
C LEU A 290 -8.94 17.09 9.92
N LEU A 291 -10.17 17.22 10.45
CA LEU A 291 -10.41 17.53 11.85
C LEU A 291 -11.34 16.50 12.43
N GLY A 292 -11.09 16.07 13.67
CA GLY A 292 -11.82 14.95 14.23
C GLY A 292 -11.74 14.98 15.75
N PRO A 293 -12.33 13.98 16.40
CA PRO A 293 -12.38 14.00 17.86
C PRO A 293 -11.03 13.67 18.46
N VAL A 294 -10.83 14.05 19.71
CA VAL A 294 -9.60 13.81 20.44
C VAL A 294 -9.17 12.33 20.51
N GLY A 295 -7.88 12.09 20.32
CA GLY A 295 -7.36 10.73 20.37
C GLY A 295 -7.14 10.16 18.99
N LYS A 296 -7.46 10.96 17.97
CA LYS A 296 -7.27 10.57 16.59
C LYS A 296 -6.04 11.33 16.04
N GLY A 297 -5.42 12.12 16.91
CA GLY A 297 -4.32 13.00 16.57
C GLY A 297 -3.09 12.46 15.85
N GLN A 298 -2.57 11.31 16.28
CA GLN A 298 -1.39 10.75 15.64
C GLN A 298 -1.77 10.07 14.33
N GLN A 299 -2.95 9.46 14.30
CA GLN A 299 -3.47 8.86 13.08
C GLN A 299 -3.59 9.88 11.97
N TYR A 300 -4.03 11.08 12.34
CA TYR A 300 -4.28 12.17 11.42
C TYR A 300 -2.98 12.74 10.90
N HIS A 301 -1.98 12.75 11.77
CA HIS A 301 -0.64 13.16 11.42
C HIS A 301 -0.12 12.33 10.26
N GLU A 302 -0.32 11.02 10.30
CA GLU A 302 0.10 10.18 9.20
C GLU A 302 -0.79 10.35 7.95
N ILE A 303 -2.08 10.61 8.13
CA ILE A 303 -2.87 10.89 6.94
C ILE A 303 -2.38 12.20 6.33
N GLY A 304 -2.02 13.16 7.17
CA GLY A 304 -1.50 14.42 6.67
C GLY A 304 -0.18 14.22 5.90
N ARG A 305 0.72 13.42 6.48
CA ARG A 305 1.99 13.10 5.81
C ARG A 305 1.69 12.44 4.47
N SER A 306 0.74 11.50 4.46
CA SER A 306 0.42 10.81 3.22
C SER A 306 -0.09 11.77 2.13
N MET A 307 -0.93 12.73 2.54
CA MET A 307 -1.44 13.71 1.61
C MET A 307 -0.34 14.58 1.06
N ALA A 308 0.53 15.05 1.95
CA ALA A 308 1.60 15.92 1.54
C ALA A 308 2.54 15.12 0.63
N THR A 309 2.82 13.90 1.02
CA THR A 309 3.82 13.12 0.27
C THR A 309 3.29 12.74 -1.10
N ILE A 310 2.01 12.39 -1.17
CA ILE A 310 1.49 11.97 -2.44
C ILE A 310 1.48 13.14 -3.44
N MET A 311 1.37 14.38 -2.94
CA MET A 311 1.54 15.55 -3.78
C MET A 311 2.97 15.76 -4.33
N THR A 312 3.98 15.08 -3.78
CA THR A 312 5.30 15.16 -4.39
C THR A 312 5.40 14.26 -5.59
N ASP A 313 4.43 13.39 -5.74
CA ASP A 313 4.38 12.50 -6.88
C ASP A 313 4.07 13.27 -8.12
N GLU A 314 4.87 13.03 -9.15
CA GLU A 314 4.78 13.79 -10.38
C GLU A 314 3.41 13.59 -11.01
N ILE A 315 3.02 12.33 -11.20
CA ILE A 315 1.71 12.01 -11.78
C ILE A 315 0.53 12.43 -10.90
N PHE A 316 0.58 12.17 -9.60
CA PHE A 316 -0.60 12.51 -8.83
C PHE A 316 -0.80 14.00 -8.79
N HIS A 317 0.29 14.76 -8.80
CA HIS A 317 0.17 16.19 -8.63
C HIS A 317 -0.39 16.77 -9.94
N ASP A 318 -0.14 16.10 -11.05
CA ASP A 318 -0.73 16.51 -12.31
C ASP A 318 -2.24 16.26 -12.27
N VAL A 319 -2.63 15.11 -11.73
CA VAL A 319 -4.04 14.78 -11.60
C VAL A 319 -4.69 15.78 -10.69
N ALA A 320 -4.08 16.09 -9.55
CA ALA A 320 -4.64 17.08 -8.64
C ALA A 320 -4.92 18.44 -9.33
N TYR A 321 -3.99 18.91 -10.18
CA TYR A 321 -4.16 20.17 -10.90
C TYR A 321 -5.28 20.09 -11.98
N LYS A 322 -5.47 18.91 -12.56
CA LYS A 322 -6.36 18.76 -13.70
C LYS A 322 -7.68 18.03 -13.40
N ALA A 323 -7.80 17.47 -12.20
CA ALA A 323 -9.04 16.78 -11.83
C ALA A 323 -10.26 17.68 -12.01
N LYS A 324 -11.31 17.12 -12.61
CA LYS A 324 -12.56 17.86 -12.82
C LYS A 324 -13.62 17.48 -11.79
N GLU A 325 -13.37 16.38 -11.08
CA GLU A 325 -14.36 15.75 -10.21
C GLU A 325 -13.68 14.83 -9.23
N ARG A 326 -14.38 14.50 -8.15
CA ARG A 326 -13.88 13.61 -7.10
C ARG A 326 -13.31 12.29 -7.64
N ASP A 327 -13.94 11.76 -8.67
CA ASP A 327 -13.54 10.48 -9.25
C ASP A 327 -12.18 10.52 -9.94
N ASP A 328 -11.78 11.69 -10.41
CA ASP A 328 -10.46 11.85 -11.02
C ASP A 328 -9.38 11.69 -9.94
N LEU A 329 -9.65 12.27 -8.76
CA LEU A 329 -8.75 12.15 -7.65
C LEU A 329 -8.60 10.72 -7.19
N LEU A 330 -9.68 9.96 -7.10
CA LEU A 330 -9.54 8.60 -6.61
C LEU A 330 -8.77 7.73 -7.59
N ALA A 331 -8.95 7.96 -8.88
CA ALA A 331 -8.18 7.23 -9.88
C ALA A 331 -6.73 7.59 -9.67
N GLY A 332 -6.49 8.83 -9.29
CA GLY A 332 -5.14 9.25 -8.99
C GLY A 332 -4.56 8.44 -7.85
N ILE A 333 -5.27 8.41 -6.72
CA ILE A 333 -4.84 7.66 -5.56
C ILE A 333 -4.60 6.18 -5.91
N ASP A 334 -5.52 5.58 -6.65
CA ASP A 334 -5.43 4.16 -6.97
C ASP A 334 -4.22 3.89 -7.88
N GLU A 335 -3.94 4.79 -8.83
CA GLU A 335 -2.76 4.60 -9.67
C GLU A 335 -1.48 4.66 -8.85
N PHE A 336 -1.40 5.65 -7.98
CA PHE A 336 -0.29 5.77 -7.05
C PHE A 336 -0.10 4.48 -6.26
N LEU A 337 -1.16 4.02 -5.59
CA LEU A 337 -1.09 2.78 -4.81
C LEU A 337 -0.63 1.58 -5.62
N ASP A 338 -0.98 1.55 -6.90
CA ASP A 338 -0.69 0.38 -7.69
C ASP A 338 0.82 0.29 -7.93
N GLN A 339 1.50 1.43 -7.86
CA GLN A 339 2.90 1.49 -8.25
C GLN A 339 3.89 1.57 -7.08
N VAL A 340 3.44 1.83 -5.85
CA VAL A 340 4.36 1.92 -4.69
C VAL A 340 5.03 0.58 -4.40
N THR A 341 6.18 0.63 -3.72
CA THR A 341 6.86 -0.60 -3.36
C THR A 341 6.71 -0.77 -1.86
N VAL A 342 6.66 -2.00 -1.36
CA VAL A 342 6.39 -2.11 0.05
C VAL A 342 7.64 -2.62 0.73
N LEU A 343 7.89 -2.11 1.93
CA LEU A 343 9.01 -2.52 2.73
C LEU A 343 8.47 -3.43 3.84
N PRO A 344 8.68 -4.75 3.72
CA PRO A 344 8.16 -5.62 4.77
C PRO A 344 8.72 -5.31 6.16
N SER B 43 -10.17 -7.29 11.46
CA SER B 43 -9.27 -8.15 10.68
C SER B 43 -7.98 -8.39 11.43
N GLN B 44 -7.84 -7.72 12.55
CA GLN B 44 -6.81 -8.04 13.52
C GLN B 44 -7.56 -8.70 14.64
N ARG B 45 -8.87 -8.53 14.59
CA ARG B 45 -9.81 -9.35 15.34
C ARG B 45 -9.59 -10.80 14.92
N VAL B 46 -9.77 -11.08 13.64
CA VAL B 46 -9.71 -12.46 13.12
C VAL B 46 -8.33 -13.01 13.39
N GLN B 47 -7.36 -12.11 13.27
CA GLN B 47 -5.95 -12.43 13.40
C GLN B 47 -5.52 -13.03 14.74
N PHE B 48 -5.70 -12.28 15.82
CA PHE B 48 -5.27 -12.69 17.15
C PHE B 48 -5.84 -14.04 17.60
N ILE B 49 -7.08 -14.35 17.21
CA ILE B 49 -7.69 -15.63 17.55
C ILE B 49 -6.86 -16.80 16.99
N LEU B 50 -6.28 -16.62 15.81
CA LEU B 50 -5.48 -17.67 15.18
C LEU B 50 -4.13 -17.94 15.84
N GLY B 51 -3.32 -16.90 15.99
CA GLY B 51 -1.98 -17.01 16.58
C GLY B 51 -1.91 -17.71 17.93
N THR B 52 -3.04 -17.80 18.61
CA THR B 52 -3.05 -18.34 19.97
C THR B 52 -4.03 -19.50 20.12
N GLU B 53 -4.07 -20.35 19.10
CA GLU B 53 -4.88 -21.58 19.14
C GLU B 53 -4.05 -22.73 19.69
N GLU B 54 -4.69 -23.60 20.47
CA GLU B 54 -4.04 -24.81 20.93
C GLU B 54 -3.85 -25.73 19.72
N ASP B 55 -2.62 -26.19 19.51
CA ASP B 55 -2.28 -27.00 18.34
C ASP B 55 -1.03 -27.81 18.59
N GLU B 56 -1.10 -29.11 18.36
CA GLU B 56 0.11 -29.91 18.41
C GLU B 56 0.43 -30.42 17.02
N GLU B 57 1.73 -30.37 16.69
CA GLU B 57 2.30 -30.66 15.37
C GLU B 57 2.03 -29.53 14.37
N HIS B 58 0.99 -28.73 14.60
CA HIS B 58 0.80 -27.51 13.80
C HIS B 58 1.75 -26.40 14.23
N VAL B 59 2.84 -26.78 14.88
CA VAL B 59 3.83 -25.82 15.36
C VAL B 59 4.58 -25.19 14.19
N PRO B 60 4.84 -23.87 14.28
CA PRO B 60 5.57 -23.21 13.19
C PRO B 60 7.04 -23.59 13.17
N HIS B 61 7.62 -23.70 11.97
CA HIS B 61 9.05 -23.91 11.81
C HIS B 61 9.67 -22.74 11.07
N GLU B 62 10.98 -22.78 10.91
CA GLU B 62 11.64 -21.79 10.07
C GLU B 62 11.50 -22.22 8.62
N LEU B 63 11.51 -21.27 7.69
CA LEU B 63 11.19 -21.62 6.31
C LEU B 63 12.32 -21.33 5.32
N PHE B 64 12.66 -22.32 4.52
CA PHE B 64 13.42 -22.08 3.32
C PHE B 64 12.41 -21.98 2.20
N THR B 65 12.50 -20.96 1.36
CA THR B 65 11.53 -20.84 0.28
C THR B 65 12.24 -20.81 -1.06
N GLU B 66 11.81 -21.65 -1.98
CA GLU B 66 12.38 -21.65 -3.32
C GLU B 66 11.32 -21.25 -4.33
N LEU B 67 11.70 -20.40 -5.28
CA LEU B 67 10.79 -20.04 -6.36
C LEU B 67 11.28 -20.65 -7.66
N ASP B 68 10.55 -21.61 -8.21
CA ASP B 68 10.89 -22.17 -9.53
C ASP B 68 9.89 -21.71 -10.56
N GLU B 69 10.34 -21.57 -11.80
CA GLU B 69 9.43 -21.09 -12.84
C GLU B 69 9.48 -21.95 -14.10
N ILE B 70 8.36 -22.04 -14.80
CA ILE B 70 8.30 -22.85 -16.02
C ILE B 70 7.66 -22.07 -17.17
N CYS B 71 8.04 -22.45 -18.40
CA CYS B 71 7.41 -21.94 -19.60
C CYS B 71 7.27 -22.99 -20.72
N MET B 72 6.04 -23.36 -21.05
CA MET B 72 5.74 -24.36 -22.09
C MET B 72 5.41 -23.72 -23.43
N ALA B 78 10.94 -28.22 -22.37
CA ALA B 78 10.79 -27.18 -21.35
C ALA B 78 10.67 -27.79 -19.95
N GLU B 79 11.37 -27.19 -18.99
CA GLU B 79 11.43 -27.68 -17.62
C GLU B 79 11.30 -26.57 -16.59
N TRP B 80 11.23 -26.94 -15.31
CA TRP B 80 11.22 -25.97 -14.22
C TRP B 80 12.62 -25.47 -13.96
N LYS B 81 12.75 -24.16 -13.76
CA LYS B 81 14.05 -23.54 -13.49
C LYS B 81 14.01 -22.74 -12.19
N GLU B 82 14.91 -23.04 -11.25
CA GLU B 82 14.99 -22.27 -10.02
C GLU B 82 15.38 -20.84 -10.30
N THR B 83 14.60 -19.88 -9.81
CA THR B 83 14.95 -18.48 -10.06
C THR B 83 15.24 -17.69 -8.81
N ALA B 84 14.77 -18.13 -7.65
CA ALA B 84 15.04 -17.38 -6.42
C ALA B 84 14.91 -18.24 -5.18
N ARG B 85 15.47 -17.76 -4.07
CA ARG B 85 15.34 -18.46 -2.80
C ARG B 85 15.36 -17.49 -1.63
N TRP B 86 14.76 -17.90 -0.52
CA TRP B 86 14.63 -17.04 0.66
C TRP B 86 15.06 -17.71 1.93
N LEU B 87 15.50 -16.89 2.86
CA LEU B 87 15.93 -17.33 4.18
C LEU B 87 16.10 -16.05 4.98
N LYS B 88 14.98 -15.40 5.26
CA LYS B 88 14.94 -14.00 5.71
C LYS B 88 15.38 -13.07 4.58
N PHE B 89 16.56 -13.29 4.02
CA PHE B 89 17.01 -12.56 2.85
C PHE B 89 16.73 -13.27 1.52
N GLU B 90 16.75 -12.52 0.42
CA GLU B 90 16.49 -13.11 -0.90
C GLU B 90 17.75 -13.18 -1.81
N GLU B 91 17.85 -14.22 -2.62
CA GLU B 91 18.85 -14.25 -3.69
C GLU B 91 18.21 -14.67 -5.00
N ASP B 92 18.57 -13.99 -6.09
CA ASP B 92 18.03 -14.32 -7.41
C ASP B 92 19.10 -14.86 -8.34
N VAL B 93 18.72 -15.76 -9.24
CA VAL B 93 19.58 -16.28 -10.29
C VAL B 93 19.81 -15.21 -11.39
N GLU B 94 21.04 -15.06 -11.87
CA GLU B 94 21.31 -14.04 -12.88
C GLU B 94 22.40 -14.40 -13.87
N ASP B 95 22.71 -13.45 -14.75
CA ASP B 95 23.80 -13.60 -15.71
C ASP B 95 23.69 -14.93 -16.45
N GLY B 96 22.46 -15.30 -16.77
CA GLY B 96 22.17 -16.53 -17.51
C GLY B 96 22.17 -17.80 -16.69
N GLY B 97 22.03 -17.69 -15.37
CA GLY B 97 22.07 -18.86 -14.52
C GLY B 97 23.45 -19.18 -13.95
N GLU B 98 24.41 -18.32 -14.24
CA GLU B 98 25.78 -18.55 -13.81
C GLU B 98 26.02 -18.33 -12.33
N ARG B 99 25.11 -17.65 -11.65
CA ARG B 99 25.46 -17.00 -10.41
C ARG B 99 24.26 -16.75 -9.53
N TRP B 100 24.45 -16.83 -8.22
CA TRP B 100 23.46 -16.30 -7.27
C TRP B 100 23.85 -14.86 -7.01
N SER B 101 22.87 -13.99 -6.87
CA SER B 101 23.12 -12.61 -6.48
C SER B 101 23.57 -12.56 -5.03
N LYS B 102 23.99 -11.39 -4.58
CA LYS B 102 24.18 -11.20 -3.15
C LYS B 102 22.83 -11.23 -2.44
N PRO B 103 22.81 -11.65 -1.16
CA PRO B 103 21.55 -11.59 -0.40
C PRO B 103 21.11 -10.15 -0.15
N TYR B 104 19.81 -9.88 -0.24
CA TYR B 104 19.27 -8.54 0.06
C TYR B 104 17.89 -8.62 0.73
N VAL B 105 17.44 -7.51 1.30
CA VAL B 105 16.09 -7.44 1.90
C VAL B 105 15.03 -7.17 0.85
N ALA B 106 14.14 -8.12 0.63
CA ALA B 106 13.16 -7.99 -0.44
C ALA B 106 12.19 -6.82 -0.21
N THR B 107 11.84 -6.17 -1.32
CA THR B 107 10.70 -5.28 -1.41
C THR B 107 9.74 -5.80 -2.49
N LEU B 108 8.45 -5.44 -2.40
CA LEU B 108 7.43 -5.98 -3.30
C LEU B 108 6.67 -4.89 -4.02
N SER B 109 6.12 -5.19 -5.17
CA SER B 109 5.22 -4.22 -5.77
C SER B 109 3.85 -4.46 -5.13
N LEU B 110 3.21 -3.38 -4.64
CA LEU B 110 1.90 -3.50 -4.02
C LEU B 110 0.91 -4.16 -4.97
N HIS B 111 0.94 -3.72 -6.22
CA HIS B 111 0.19 -4.37 -7.26
C HIS B 111 0.26 -5.89 -7.17
N SER B 112 1.44 -6.44 -6.97
CA SER B 112 1.59 -7.87 -7.06
C SER B 112 1.12 -8.52 -5.77
N LEU B 113 1.09 -7.74 -4.69
CA LEU B 113 0.53 -8.23 -3.43
C LEU B 113 -0.99 -8.37 -3.52
N PHE B 114 -1.64 -7.36 -4.09
CA PHE B 114 -3.05 -7.43 -4.38
C PHE B 114 -3.37 -8.62 -5.26
N GLU B 115 -2.56 -8.87 -6.27
CA GLU B 115 -2.77 -10.01 -7.16
C GLU B 115 -2.68 -11.30 -6.34
N LEU B 116 -1.73 -11.33 -5.40
CA LEU B 116 -1.56 -12.49 -4.54
C LEU B 116 -2.81 -12.67 -3.71
N ARG B 117 -3.33 -11.56 -3.17
CA ARG B 117 -4.53 -11.59 -2.33
C ARG B 117 -5.71 -12.13 -3.12
N SER B 118 -5.85 -11.64 -4.34
CA SER B 118 -6.91 -12.09 -5.21
C SER B 118 -6.76 -13.58 -5.48
N CYS B 119 -5.54 -14.04 -5.63
CA CYS B 119 -5.28 -15.45 -5.84
C CYS B 119 -5.76 -16.31 -4.70
N LEU B 120 -5.57 -15.87 -3.46
CA LEU B 120 -6.04 -16.65 -2.32
C LEU B 120 -7.56 -16.63 -2.14
N ILE B 121 -8.22 -15.63 -2.71
CA ILE B 121 -9.67 -15.54 -2.65
C ILE B 121 -10.28 -16.49 -3.66
N ASN B 122 -9.71 -16.54 -4.86
CA ASN B 122 -10.33 -17.26 -5.96
C ASN B 122 -9.72 -18.61 -6.24
N GLY B 123 -8.62 -18.94 -5.56
CA GLY B 123 -7.87 -20.12 -5.92
C GLY B 123 -8.22 -21.33 -5.08
N THR B 124 -7.62 -22.46 -5.39
CA THR B 124 -7.72 -23.63 -4.56
C THR B 124 -6.91 -23.45 -3.30
N VAL B 125 -7.51 -23.73 -2.16
CA VAL B 125 -6.81 -23.70 -0.89
C VAL B 125 -7.06 -25.03 -0.21
N LEU B 126 -6.02 -25.83 -0.04
CA LEU B 126 -6.16 -27.14 0.57
C LEU B 126 -5.26 -27.21 1.78
N LEU B 127 -5.84 -27.24 2.97
CA LEU B 127 -5.00 -27.25 4.16
C LEU B 127 -4.96 -28.63 4.79
N ASP B 128 -3.79 -28.94 5.33
CA ASP B 128 -3.56 -30.20 6.00
C ASP B 128 -3.86 -31.34 5.05
N MET B 129 -3.40 -31.15 3.82
CA MET B 129 -3.47 -32.21 2.82
C MET B 129 -2.54 -33.35 3.24
N HIS B 130 -3.07 -34.56 3.28
CA HIS B 130 -2.25 -35.72 3.58
C HIS B 130 -1.80 -36.41 2.29
N ALA B 131 -0.76 -35.88 1.66
CA ALA B 131 -0.17 -36.45 0.46
C ALA B 131 1.31 -36.63 0.70
N ASN B 132 1.87 -37.72 0.18
CA ASN B 132 3.26 -38.04 0.40
C ASN B 132 4.11 -38.04 -0.88
N SER B 133 3.57 -37.49 -1.96
CA SER B 133 4.29 -37.35 -3.20
C SER B 133 3.67 -36.27 -4.08
N ILE B 134 4.42 -35.84 -5.08
CA ILE B 134 4.02 -34.72 -5.95
C ILE B 134 2.89 -35.10 -6.92
N GLU B 135 2.86 -36.37 -7.36
CA GLU B 135 1.77 -36.92 -8.16
C GLU B 135 0.46 -36.74 -7.43
N GLU B 136 0.45 -37.27 -6.21
CA GLU B 136 -0.67 -37.21 -5.32
C GLU B 136 -1.17 -35.78 -5.13
N ILE B 137 -0.22 -34.86 -4.93
CA ILE B 137 -0.55 -33.45 -4.71
C ILE B 137 -1.20 -32.83 -5.94
N SER B 138 -0.65 -33.14 -7.10
CA SER B 138 -1.13 -32.54 -8.34
C SER B 138 -2.51 -33.04 -8.68
N ASP B 139 -2.72 -34.34 -8.49
CA ASP B 139 -4.02 -34.95 -8.74
C ASP B 139 -5.08 -34.42 -7.80
N LEU B 140 -4.75 -34.29 -6.51
CA LEU B 140 -5.69 -33.71 -5.57
C LEU B 140 -6.09 -32.30 -5.99
N ILE B 141 -5.15 -31.54 -6.52
CA ILE B 141 -5.48 -30.20 -6.96
C ILE B 141 -6.35 -30.27 -8.19
N LEU B 142 -5.92 -31.03 -9.19
CA LEU B 142 -6.64 -31.09 -10.45
C LEU B 142 -8.01 -31.76 -10.35
N ASP B 143 -8.20 -32.59 -9.34
CA ASP B 143 -9.46 -33.32 -9.22
C ASP B 143 -10.49 -32.59 -8.38
N GLN B 144 -10.21 -31.32 -8.07
CA GLN B 144 -11.22 -30.50 -7.43
C GLN B 144 -12.43 -30.42 -8.32
N GLN B 145 -13.62 -30.76 -7.78
CA GLN B 145 -14.83 -30.81 -8.59
C GLN B 145 -15.10 -29.46 -9.24
N GLU B 146 -14.55 -28.39 -8.68
CA GLU B 146 -14.66 -27.07 -9.28
C GLU B 146 -13.51 -26.80 -10.26
N LEU B 147 -12.29 -27.14 -9.86
CA LEU B 147 -11.10 -26.79 -10.65
C LEU B 147 -10.96 -27.63 -11.91
N SER B 148 -11.69 -28.74 -11.99
CA SER B 148 -11.68 -29.56 -13.21
C SER B 148 -12.88 -29.18 -14.07
N SER B 149 -13.68 -28.25 -13.56
CA SER B 149 -14.81 -27.70 -14.30
C SER B 149 -14.45 -26.36 -14.94
N ASP B 150 -13.16 -26.07 -14.97
CA ASP B 150 -12.65 -24.87 -15.64
C ASP B 150 -11.69 -25.32 -16.72
N LEU B 151 -11.37 -26.61 -16.70
CA LEU B 151 -10.34 -27.15 -17.57
C LEU B 151 -10.90 -28.18 -18.54
N ASN B 152 -10.31 -28.22 -19.73
CA ASN B 152 -10.55 -29.28 -20.69
C ASN B 152 -10.03 -30.60 -20.19
N ASP B 153 -10.33 -31.67 -20.91
CA ASP B 153 -9.60 -32.91 -20.71
C ASP B 153 -8.20 -32.66 -21.26
N SER B 154 -8.15 -31.91 -22.35
CA SER B 154 -6.89 -31.58 -23.01
C SER B 154 -6.02 -30.67 -22.15
N MET B 155 -6.67 -29.76 -21.42
CA MET B 155 -5.95 -28.82 -20.59
C MET B 155 -5.34 -29.49 -19.35
N ARG B 156 -6.05 -30.46 -18.80
CA ARG B 156 -5.56 -31.21 -17.63
C ARG B 156 -4.30 -32.01 -17.94
N VAL B 157 -4.28 -32.65 -19.10
CA VAL B 157 -3.14 -33.48 -19.52
C VAL B 157 -1.86 -32.65 -19.52
N LYS B 158 -1.92 -31.52 -20.20
CA LYS B 158 -0.77 -30.64 -20.30
C LYS B 158 -0.32 -30.16 -18.91
N VAL B 159 -1.28 -29.79 -18.06
CA VAL B 159 -0.91 -29.20 -16.77
C VAL B 159 -0.28 -30.20 -15.79
N ARG B 160 -0.84 -31.41 -15.70
CA ARG B 160 -0.28 -32.45 -14.83
C ARG B 160 1.13 -32.76 -15.31
N GLU B 161 1.28 -32.87 -16.63
CA GLU B 161 2.59 -33.11 -17.24
C GLU B 161 3.56 -32.04 -16.75
N ALA B 162 3.07 -30.80 -16.65
CA ALA B 162 3.93 -29.68 -16.24
C ALA B 162 4.31 -29.78 -14.76
N LEU B 163 3.34 -30.04 -13.89
CA LEU B 163 3.64 -30.11 -12.47
C LEU B 163 4.62 -31.24 -12.17
N LEU B 164 4.67 -32.25 -13.04
CA LEU B 164 5.56 -33.38 -12.84
C LEU B 164 6.89 -33.27 -13.62
N LYS B 165 7.11 -32.16 -14.32
CA LYS B 165 8.41 -31.92 -14.96
C LYS B 165 9.49 -31.87 -13.88
N LYS B 166 10.73 -32.25 -14.23
CA LYS B 166 11.85 -32.23 -13.30
C LYS B 166 12.19 -30.82 -12.89
N HIS B 167 12.88 -30.67 -11.76
CA HIS B 167 13.25 -29.33 -11.32
C HIS B 167 14.73 -29.08 -11.36
N HIS B 168 15.18 -28.30 -12.33
CA HIS B 168 16.59 -27.95 -12.38
C HIS B 168 16.89 -26.82 -11.41
N HIS B 169 17.85 -27.10 -10.54
CA HIS B 169 18.30 -26.15 -9.53
C HIS B 169 19.62 -25.52 -9.95
N GLN B 170 20.12 -24.65 -9.08
CA GLN B 170 21.32 -23.88 -9.35
C GLN B 170 22.56 -24.81 -9.33
N ASN B 171 22.38 -26.02 -8.81
CA ASN B 171 23.47 -27.00 -8.66
C ASN B 171 23.82 -27.72 -9.95
N ILE B 241 22.52 -22.26 8.90
CA ILE B 241 21.39 -22.80 8.18
C ILE B 241 20.64 -23.79 9.12
N PRO B 242 19.34 -23.51 9.41
CA PRO B 242 18.50 -24.09 10.48
C PRO B 242 18.24 -25.60 10.46
N THR B 243 18.12 -26.19 11.66
CA THR B 243 18.04 -27.64 11.83
C THR B 243 16.67 -28.26 11.54
N GLY B 244 15.63 -27.68 12.11
CA GLY B 244 14.29 -28.22 11.98
C GLY B 244 13.46 -27.56 10.89
N ALA B 245 14.14 -26.91 9.96
CA ALA B 245 13.49 -26.10 8.93
C ALA B 245 12.67 -26.94 7.95
N GLU B 246 11.62 -26.32 7.41
CA GLU B 246 10.76 -26.96 6.42
C GLU B 246 10.77 -26.10 5.18
N ALA B 247 10.29 -26.63 4.07
CA ALA B 247 10.42 -25.91 2.81
C ALA B 247 9.08 -25.41 2.26
N SER B 248 9.15 -24.39 1.43
CA SER B 248 7.95 -23.86 0.81
C SER B 248 8.24 -23.70 -0.66
N ASN B 249 7.51 -24.39 -1.51
CA ASN B 249 7.82 -24.36 -2.92
C ASN B 249 6.86 -23.50 -3.72
N VAL B 250 7.36 -22.41 -4.26
CA VAL B 250 6.51 -21.49 -4.97
C VAL B 250 6.73 -21.76 -6.45
N LEU B 251 5.75 -22.37 -7.09
CA LEU B 251 5.92 -22.77 -8.48
C LEU B 251 4.99 -21.99 -9.39
N VAL B 252 5.56 -21.11 -10.21
CA VAL B 252 4.76 -20.28 -11.11
C VAL B 252 5.26 -20.34 -12.56
N GLY B 253 4.41 -19.98 -13.51
CA GLY B 253 4.81 -20.03 -14.90
C GLY B 253 3.70 -20.11 -15.93
N GLU B 254 4.11 -20.28 -17.19
CA GLU B 254 3.18 -20.26 -18.32
C GLU B 254 2.96 -21.67 -18.87
N VAL B 255 1.73 -21.96 -19.31
CA VAL B 255 1.41 -23.17 -20.08
C VAL B 255 0.55 -22.76 -21.27
N ASP B 256 1.04 -23.01 -22.49
CA ASP B 256 0.45 -22.47 -23.71
C ASP B 256 -1.07 -22.68 -23.87
N ILE B 257 -1.56 -23.82 -23.42
CA ILE B 257 -2.92 -24.25 -23.75
C ILE B 257 -3.97 -23.67 -22.80
N LEU B 258 -3.51 -23.07 -21.71
CA LEU B 258 -4.42 -22.45 -20.73
C LEU B 258 -5.03 -21.15 -21.25
N ASP B 259 -6.26 -20.88 -20.82
CA ASP B 259 -6.91 -19.61 -21.09
C ASP B 259 -7.27 -18.93 -19.77
N ARG B 260 -7.28 -19.72 -18.71
CA ARG B 260 -7.40 -19.18 -17.36
C ARG B 260 -6.16 -19.50 -16.54
N PRO B 261 -5.88 -18.69 -15.52
CA PRO B 261 -4.84 -19.02 -14.55
C PRO B 261 -5.32 -20.10 -13.57
N ILE B 262 -4.39 -20.84 -12.99
CA ILE B 262 -4.71 -21.89 -12.03
C ILE B 262 -3.94 -21.68 -10.75
N VAL B 263 -4.65 -21.43 -9.66
CA VAL B 263 -4.00 -21.09 -8.42
C VAL B 263 -4.27 -22.12 -7.35
N ALA B 264 -3.25 -22.48 -6.60
CA ALA B 264 -3.43 -23.39 -5.50
C ALA B 264 -2.49 -23.07 -4.38
N PHE B 265 -3.01 -23.07 -3.15
CA PHE B 265 -2.19 -22.99 -1.96
C PHE B 265 -2.40 -24.28 -1.22
N VAL B 266 -1.33 -24.98 -0.90
CA VAL B 266 -1.44 -26.28 -0.23
C VAL B 266 -0.59 -26.29 1.02
N ARG B 267 -1.11 -26.82 2.11
CA ARG B 267 -0.26 -27.08 3.26
C ARG B 267 -0.32 -28.57 3.60
N LEU B 268 0.81 -29.27 3.47
CA LEU B 268 0.87 -30.71 3.73
C LEU B 268 0.83 -31.00 5.23
N SER B 269 0.30 -32.15 5.65
CA SER B 269 0.12 -32.41 7.10
C SER B 269 1.36 -32.99 7.77
N PRO B 270 1.84 -34.20 7.38
CA PRO B 270 3.24 -34.14 7.78
C PRO B 270 3.96 -33.50 6.62
N ALA B 271 4.96 -32.66 6.91
CA ALA B 271 5.80 -32.18 5.84
C ALA B 271 6.44 -33.41 5.22
N VAL B 272 6.72 -33.35 3.93
CA VAL B 272 7.15 -34.52 3.20
C VAL B 272 8.35 -34.19 2.30
N LEU B 273 9.37 -35.05 2.32
CA LEU B 273 10.51 -34.87 1.44
C LEU B 273 10.14 -35.25 0.02
N LEU B 274 9.66 -34.28 -0.74
CA LEU B 274 9.29 -34.49 -2.14
C LEU B 274 10.55 -34.58 -3.00
N SER B 275 10.80 -35.78 -3.52
CA SER B 275 12.03 -36.10 -4.21
C SER B 275 12.40 -35.14 -5.32
N GLY B 276 13.63 -34.65 -5.26
CA GLY B 276 14.20 -33.83 -6.32
C GLY B 276 13.53 -32.49 -6.49
N LEU B 277 12.67 -32.10 -5.56
CA LEU B 277 11.88 -30.89 -5.76
C LEU B 277 12.62 -29.64 -5.29
N THR B 278 13.13 -29.67 -4.06
CA THR B 278 13.83 -28.53 -3.50
C THR B 278 15.34 -28.67 -3.78
N GLU B 279 16.05 -27.56 -3.89
CA GLU B 279 17.50 -27.61 -4.13
C GLU B 279 18.26 -28.21 -2.94
N VAL B 280 17.66 -28.17 -1.76
CA VAL B 280 18.28 -28.78 -0.60
C VAL B 280 17.28 -29.78 -0.03
N PRO B 281 17.74 -31.00 0.29
CA PRO B 281 16.80 -32.02 0.76
C PRO B 281 16.14 -31.64 2.08
N ILE B 282 15.07 -30.86 1.97
CA ILE B 282 14.31 -30.38 3.11
C ILE B 282 12.84 -30.72 2.91
N PRO B 283 12.16 -31.19 3.98
CA PRO B 283 10.75 -31.56 3.80
C PRO B 283 9.85 -30.36 3.48
N THR B 284 8.94 -30.55 2.51
CA THR B 284 7.99 -29.53 2.09
C THR B 284 6.78 -29.44 3.00
N ARG B 285 6.43 -28.22 3.39
CA ARG B 285 5.22 -27.98 4.17
C ARG B 285 4.18 -27.22 3.34
N PHE B 286 4.65 -26.26 2.54
CA PHE B 286 3.75 -25.45 1.75
C PHE B 286 4.09 -25.59 0.28
N LEU B 287 3.10 -25.44 -0.58
CA LEU B 287 3.35 -25.27 -2.00
C LEU B 287 2.45 -24.14 -2.46
N PHE B 288 2.95 -23.27 -3.32
CA PHE B 288 2.07 -22.32 -4.00
C PHE B 288 2.20 -22.56 -5.49
N ILE B 289 1.07 -22.75 -6.15
CA ILE B 289 1.16 -23.01 -7.57
C ILE B 289 0.34 -22.01 -8.36
N LEU B 290 1.01 -21.33 -9.27
CA LEU B 290 0.35 -20.37 -10.12
C LEU B 290 0.75 -20.67 -11.54
N LEU B 291 -0.19 -21.19 -12.32
CA LEU B 291 0.06 -21.48 -13.71
C LEU B 291 -0.98 -20.76 -14.56
N GLY B 292 -0.54 -20.22 -15.69
CA GLY B 292 -1.44 -19.41 -16.49
C GLY B 292 -0.98 -19.33 -17.93
N PRO B 293 -1.74 -18.56 -18.74
CA PRO B 293 -1.46 -18.43 -20.17
C PRO B 293 -0.24 -17.55 -20.48
N VAL B 294 0.27 -17.70 -21.70
CA VAL B 294 1.42 -16.94 -22.19
C VAL B 294 1.24 -15.42 -22.13
N GLY B 295 2.29 -14.73 -21.69
CA GLY B 295 2.26 -13.29 -21.53
C GLY B 295 2.04 -12.87 -20.09
N LYS B 296 1.87 -13.84 -19.20
CA LYS B 296 1.68 -13.57 -17.78
C LYS B 296 2.92 -13.85 -16.94
N GLY B 297 3.98 -14.30 -17.59
CA GLY B 297 5.19 -14.74 -16.92
C GLY B 297 5.89 -13.80 -15.93
N GLN B 298 5.99 -12.51 -16.27
CA GLN B 298 6.64 -11.57 -15.36
C GLN B 298 5.72 -11.20 -14.23
N GLN B 299 4.43 -11.13 -14.53
CA GLN B 299 3.46 -10.88 -13.48
C GLN B 299 3.55 -11.96 -12.43
N TYR B 300 3.68 -13.20 -12.90
CA TYR B 300 3.67 -14.37 -12.02
C TYR B 300 4.96 -14.44 -11.24
N HIS B 301 6.03 -14.00 -11.85
CA HIS B 301 7.29 -13.95 -11.15
C HIS B 301 7.14 -13.11 -9.87
N GLU B 302 6.50 -11.95 -9.98
CA GLU B 302 6.36 -11.04 -8.86
C GLU B 302 5.30 -11.50 -7.84
N ILE B 303 4.26 -12.16 -8.33
CA ILE B 303 3.29 -12.74 -7.42
C ILE B 303 3.98 -13.82 -6.63
N GLY B 304 4.85 -14.57 -7.31
CA GLY B 304 5.61 -15.61 -6.67
C GLY B 304 6.54 -15.02 -5.64
N ARG B 305 7.18 -13.91 -6.01
CA ARG B 305 8.10 -13.24 -5.09
C ARG B 305 7.31 -12.83 -3.87
N SER B 306 6.13 -12.27 -4.11
CA SER B 306 5.30 -11.77 -3.01
C SER B 306 4.89 -12.88 -2.04
N MET B 307 4.49 -14.04 -2.55
CA MET B 307 4.14 -15.17 -1.68
C MET B 307 5.33 -15.58 -0.84
N ALA B 308 6.48 -15.68 -1.49
CA ALA B 308 7.71 -16.07 -0.82
C ALA B 308 8.12 -15.04 0.23
N THR B 309 8.03 -13.77 -0.13
CA THR B 309 8.51 -12.71 0.73
C THR B 309 7.61 -12.59 1.96
N ILE B 310 6.31 -12.75 1.74
CA ILE B 310 5.35 -12.61 2.84
C ILE B 310 5.45 -13.77 3.85
N MET B 311 5.92 -14.93 3.37
CA MET B 311 6.22 -16.07 4.23
C MET B 311 7.42 -15.83 5.12
N THR B 312 8.23 -14.83 4.80
CA THR B 312 9.34 -14.50 5.68
C THR B 312 8.88 -13.56 6.80
N ASP B 313 7.68 -13.01 6.70
CA ASP B 313 7.13 -12.20 7.79
C ASP B 313 6.85 -13.12 8.97
N GLU B 314 7.34 -12.75 10.16
CA GLU B 314 7.23 -13.65 11.30
C GLU B 314 5.79 -13.94 11.68
N ILE B 315 4.98 -12.89 11.78
CA ILE B 315 3.56 -13.06 12.11
C ILE B 315 2.76 -13.78 11.03
N PHE B 316 2.94 -13.43 9.76
CA PHE B 316 2.15 -14.08 8.71
C PHE B 316 2.51 -15.53 8.57
N HIS B 317 3.78 -15.85 8.82
CA HIS B 317 4.24 -17.20 8.55
C HIS B 317 3.67 -18.12 9.63
N ASP B 318 3.39 -17.55 10.80
CA ASP B 318 2.69 -18.29 11.86
C ASP B 318 1.24 -18.56 11.48
N VAL B 319 0.60 -17.57 10.84
CA VAL B 319 -0.79 -17.72 10.43
C VAL B 319 -0.94 -18.87 9.45
N ALA B 320 -0.06 -18.91 8.46
CA ALA B 320 -0.04 -20.00 7.50
C ALA B 320 0.08 -21.37 8.17
N TYR B 321 0.86 -21.46 9.23
CA TYR B 321 0.98 -22.74 9.93
C TYR B 321 -0.30 -23.13 10.68
N LYS B 322 -1.04 -22.14 11.17
CA LYS B 322 -2.15 -22.42 12.07
C LYS B 322 -3.51 -22.22 11.44
N ALA B 323 -3.55 -21.61 10.26
CA ALA B 323 -4.80 -21.33 9.57
C ALA B 323 -5.65 -22.59 9.41
N LYS B 324 -6.95 -22.47 9.64
CA LYS B 324 -7.81 -23.62 9.49
C LYS B 324 -8.64 -23.55 8.20
N GLU B 325 -8.73 -22.37 7.60
CA GLU B 325 -9.63 -22.14 6.49
C GLU B 325 -9.14 -20.94 5.72
N ARG B 326 -9.61 -20.82 4.48
CA ARG B 326 -9.19 -19.77 3.55
C ARG B 326 -9.26 -18.35 4.09
N ASP B 327 -10.30 -18.03 4.84
CA ASP B 327 -10.46 -16.67 5.34
C ASP B 327 -9.38 -16.33 6.35
N ASP B 328 -8.85 -17.35 7.01
CA ASP B 328 -7.79 -17.14 7.98
C ASP B 328 -6.56 -16.57 7.29
N LEU B 329 -6.26 -17.10 6.10
CA LEU B 329 -5.15 -16.63 5.31
C LEU B 329 -5.36 -15.18 4.88
N LEU B 330 -6.58 -14.84 4.43
CA LEU B 330 -6.86 -13.49 3.98
C LEU B 330 -6.74 -12.50 5.14
N ALA B 331 -7.11 -12.95 6.33
CA ALA B 331 -6.90 -12.11 7.51
C ALA B 331 -5.40 -11.87 7.69
N GLY B 332 -4.60 -12.89 7.39
CA GLY B 332 -3.15 -12.79 7.46
C GLY B 332 -2.60 -11.75 6.51
N ILE B 333 -2.97 -11.86 5.24
CA ILE B 333 -2.54 -10.90 4.24
C ILE B 333 -2.98 -9.49 4.63
N ASP B 334 -4.26 -9.36 4.97
CA ASP B 334 -4.83 -8.06 5.22
C ASP B 334 -4.17 -7.41 6.42
N GLU B 335 -3.85 -8.22 7.42
CA GLU B 335 -3.18 -7.70 8.59
C GLU B 335 -1.77 -7.25 8.21
N PHE B 336 -1.08 -8.06 7.41
CA PHE B 336 0.22 -7.69 6.87
C PHE B 336 0.14 -6.35 6.13
N LEU B 337 -0.76 -6.27 5.15
CA LEU B 337 -0.91 -5.04 4.37
C LEU B 337 -1.19 -3.86 5.26
N ASP B 338 -1.87 -4.09 6.38
CA ASP B 338 -2.22 -2.99 7.25
C ASP B 338 -1.01 -2.46 8.04
N GLN B 339 0.05 -3.27 8.16
CA GLN B 339 1.16 -2.89 9.02
C GLN B 339 2.41 -2.41 8.28
N VAL B 340 2.52 -2.71 6.98
CA VAL B 340 3.68 -2.29 6.20
C VAL B 340 3.77 -0.81 5.89
N THR B 341 5.01 -0.37 5.65
CA THR B 341 5.24 0.99 5.18
C THR B 341 5.65 0.87 3.74
N VAL B 342 5.33 1.91 2.98
CA VAL B 342 5.60 1.98 1.55
C VAL B 342 6.49 3.13 1.17
N LEU B 343 7.19 2.93 0.06
CA LEU B 343 8.05 3.96 -0.48
C LEU B 343 7.36 4.57 -1.69
N PRO B 344 7.03 5.87 -1.65
CA PRO B 344 6.40 6.42 -2.85
C PRO B 344 7.23 6.22 -4.13
#